data_5G6F
#
_entry.id   5G6F
#
_cell.length_a   80.695
_cell.length_b   94.910
_cell.length_c   62.253
_cell.angle_alpha   90.00
_cell.angle_beta   90.00
_cell.angle_gamma   90.00
#
_symmetry.space_group_name_H-M   'P 21 21 2'
#
loop_
_entity.id
_entity.type
_entity.pdbx_description
1 polymer 'NITRIC OXIDE SYNTHASE OXYGENASE'
2 non-polymer 'PROTOPORPHYRIN IX CONTAINING FE'
3 non-polymer 5,6,7,8-TETRAHYDROBIOPTERIN
4 non-polymer 'CHLORIDE ION'
5 non-polymer 7-[[[3-[(dimethylamino)methyl]phenyl]amino]methyl]quinolin-2-amine
6 non-polymer GLYCEROL
7 water water
#
_entity_poly.entity_id   1
_entity_poly.type   'polypeptide(L)'
_entity_poly.pdbx_seq_one_letter_code
;MEEKEILWNEAKAFIAACYQELGKAAEVKDRLADIKSEIDLTGSYVHTKEELEHGAKMAWRNSNRCIGRLFWNSLNVIDR
RDVRTKEEVRDALFHHIETATNNGKIRPTITIFPPEEKGEKQVEIWNHQLIRYAGYESDGERIGDPASCSLTAACEELGW
RGERTDFDLLPLIFRMKGDEQPVWYELPRSLVIEVPITHPDIEAFSDLELKWYGVPIISDMKLEVGGIHYNAAPFNGWYM
GTEIGARNLADEKRYDKLKKVASVIGIAADYNTDLWKDQALVELNKAVLHSYKKQGVSIVDHHTAASQFKRFEEQAEEAG
RKLTGDWTWLIPPISPAATHIFHRSYDNSIVKPNYFYQDKPYE
;
_entity_poly.pdbx_strand_id   A
#
# COMPACT_ATOMS: atom_id res chain seq x y z
N GLU A 2 20.81 -0.32 -25.86
CA GLU A 2 19.41 -0.67 -25.61
C GLU A 2 18.95 -0.16 -24.24
N GLU A 3 19.78 -0.37 -23.23
CA GLU A 3 19.49 0.08 -21.88
C GLU A 3 19.40 1.60 -21.85
N LYS A 4 20.45 2.25 -22.34
CA LYS A 4 20.52 3.71 -22.35
C LYS A 4 19.59 4.32 -23.38
N GLU A 5 18.89 3.47 -24.13
CA GLU A 5 17.92 3.95 -25.11
C GLU A 5 16.52 4.01 -24.51
N ILE A 6 16.13 2.92 -23.86
CA ILE A 6 14.87 2.89 -23.12
C ILE A 6 14.85 4.02 -22.09
N LEU A 7 15.94 4.15 -21.34
CA LEU A 7 16.04 5.17 -20.31
C LEU A 7 15.80 6.56 -20.86
N TRP A 8 16.51 6.89 -21.95
CA TRP A 8 16.39 8.20 -22.59
C TRP A 8 14.97 8.49 -23.07
N ASN A 9 14.29 7.45 -23.57
CA ASN A 9 12.93 7.61 -24.08
C ASN A 9 11.92 7.87 -22.97
N GLU A 10 12.03 7.09 -21.89
CA GLU A 10 11.17 7.26 -20.72
C GLU A 10 11.44 8.63 -20.10
N ALA A 11 12.71 9.03 -20.12
CA ALA A 11 13.12 10.32 -19.54
C ALA A 11 12.51 11.51 -20.29
N LYS A 12 12.61 11.49 -21.62
CA LYS A 12 12.01 12.53 -22.46
C LYS A 12 10.51 12.68 -22.20
N ALA A 13 9.81 11.55 -22.18
CA ALA A 13 8.37 11.57 -21.95
C ALA A 13 8.02 12.11 -20.57
N PHE A 14 8.74 11.64 -19.55
CA PHE A 14 8.45 12.05 -18.18
C PHE A 14 8.74 13.53 -17.91
N ILE A 15 9.93 13.98 -18.28
CA ILE A 15 10.33 15.36 -17.99
C ILE A 15 9.38 16.36 -18.67
N ALA A 16 9.06 16.11 -19.93
CA ALA A 16 8.14 16.96 -20.67
C ALA A 16 6.80 17.10 -19.94
N ALA A 17 6.19 15.96 -19.62
CA ALA A 17 4.88 15.95 -18.97
C ALA A 17 4.95 16.52 -17.56
N CYS A 18 5.99 16.16 -16.83
CA CYS A 18 6.17 16.62 -15.46
C CYS A 18 6.32 18.15 -15.39
N TYR A 19 7.27 18.67 -16.16
CA TYR A 19 7.54 20.10 -16.18
C TYR A 19 6.35 20.89 -16.72
N GLN A 20 5.60 20.28 -17.62
CA GLN A 20 4.40 20.90 -18.15
C GLN A 20 3.38 21.13 -17.04
N GLU A 21 3.18 20.11 -16.20
CA GLU A 21 2.25 20.20 -15.09
C GLU A 21 2.72 21.17 -14.02
N LEU A 22 4.05 21.31 -13.89
CA LEU A 22 4.63 22.20 -12.89
C LEU A 22 4.72 23.64 -13.40
N GLY A 23 4.38 23.85 -14.66
CA GLY A 23 4.49 25.16 -15.29
C GLY A 23 5.93 25.54 -15.59
N LYS A 24 6.76 24.53 -15.89
CA LYS A 24 8.17 24.75 -16.19
C LYS A 24 8.56 24.29 -17.59
N ALA A 25 7.64 24.41 -18.54
CA ALA A 25 7.84 23.91 -19.90
C ALA A 25 9.07 24.50 -20.61
N ALA A 26 9.50 25.69 -20.21
CA ALA A 26 10.65 26.35 -20.84
C ALA A 26 11.98 25.78 -20.36
N GLU A 27 11.98 25.16 -19.18
CA GLU A 27 13.19 24.61 -18.60
C GLU A 27 13.43 23.18 -19.09
N VAL A 28 12.51 22.68 -19.90
CA VAL A 28 12.57 21.31 -20.39
C VAL A 28 13.80 21.03 -21.27
N LYS A 29 14.01 21.87 -22.28
CA LYS A 29 15.06 21.62 -23.26
C LYS A 29 16.45 21.54 -22.62
N ASP A 30 16.72 22.42 -21.66
CA ASP A 30 18.00 22.43 -20.95
C ASP A 30 18.14 21.25 -19.97
N ARG A 31 17.07 20.95 -19.25
CA ARG A 31 17.06 19.79 -18.35
C ARG A 31 17.21 18.50 -19.15
N LEU A 32 16.61 18.44 -20.33
CA LEU A 32 16.74 17.27 -21.19
C LEU A 32 18.15 17.15 -21.75
N ALA A 33 18.80 18.29 -21.97
CA ALA A 33 20.18 18.30 -22.46
C ALA A 33 21.11 17.67 -21.43
N ASP A 34 21.02 18.16 -20.19
CA ASP A 34 21.83 17.66 -19.08
C ASP A 34 21.63 16.16 -18.86
N ILE A 35 20.37 15.72 -18.91
CA ILE A 35 20.04 14.31 -18.73
C ILE A 35 20.67 13.44 -19.82
N LYS A 36 20.59 13.88 -21.06
CA LYS A 36 21.18 13.14 -22.17
C LYS A 36 22.67 12.95 -21.96
N SER A 37 23.33 14.02 -21.53
CA SER A 37 24.76 13.98 -21.23
C SER A 37 25.03 13.05 -20.06
N GLU A 38 24.22 13.17 -19.00
CA GLU A 38 24.40 12.37 -17.81
C GLU A 38 24.25 10.87 -18.09
N ILE A 39 23.30 10.52 -18.95
CA ILE A 39 23.09 9.13 -19.34
C ILE A 39 24.28 8.57 -20.11
N ASP A 40 24.74 9.29 -21.13
CA ASP A 40 25.88 8.87 -21.94
C ASP A 40 27.09 8.55 -21.08
N LEU A 41 27.35 9.41 -20.11
CA LEU A 41 28.57 9.34 -19.31
C LEU A 41 28.46 8.36 -18.14
N THR A 42 27.28 8.29 -17.52
CA THR A 42 27.11 7.51 -16.29
C THR A 42 26.24 6.27 -16.44
N GLY A 43 25.44 6.21 -17.51
CA GLY A 43 24.56 5.09 -17.72
C GLY A 43 23.22 5.26 -17.01
N SER A 44 23.01 6.46 -16.45
CA SER A 44 21.79 6.77 -15.73
C SER A 44 21.65 8.28 -15.54
N TYR A 45 20.66 8.68 -14.75
CA TYR A 45 20.49 10.08 -14.38
C TYR A 45 19.78 10.21 -13.04
N VAL A 46 19.89 11.38 -12.42
CA VAL A 46 19.36 11.59 -11.07
C VAL A 46 18.22 12.61 -11.10
N HIS A 47 17.06 12.25 -10.54
CA HIS A 47 15.94 13.17 -10.47
C HIS A 47 16.22 14.29 -9.48
N THR A 48 15.80 15.50 -9.82
CA THR A 48 15.74 16.60 -8.86
C THR A 48 14.68 16.25 -7.83
N LYS A 49 14.66 16.96 -6.71
CA LYS A 49 13.66 16.69 -5.68
C LYS A 49 12.24 16.94 -6.18
N GLU A 50 12.08 17.97 -7.02
CA GLU A 50 10.78 18.33 -7.56
C GLU A 50 10.24 17.26 -8.50
N GLU A 51 11.13 16.72 -9.34
CA GLU A 51 10.76 15.66 -10.28
C GLU A 51 10.36 14.41 -9.52
N LEU A 52 11.17 14.03 -8.54
CA LEU A 52 10.91 12.83 -7.76
C LEU A 52 9.58 12.95 -7.04
N GLU A 53 9.39 14.08 -6.36
CA GLU A 53 8.15 14.33 -5.63
C GLU A 53 6.95 14.25 -6.57
N HIS A 54 7.00 14.99 -7.67
CA HIS A 54 5.88 14.98 -8.60
C HIS A 54 5.69 13.63 -9.29
N GLY A 55 6.79 12.95 -9.59
CA GLY A 55 6.74 11.63 -10.18
C GLY A 55 5.97 10.64 -9.31
N ALA A 56 6.23 10.70 -8.01
CA ALA A 56 5.57 9.82 -7.05
C ALA A 56 4.07 10.11 -7.01
N LYS A 57 3.73 11.39 -7.08
CA LYS A 57 2.33 11.81 -7.15
C LYS A 57 1.65 11.34 -8.43
N MET A 58 2.34 11.49 -9.57
CA MET A 58 1.79 11.02 -10.85
C MET A 58 1.56 9.51 -10.82
N ALA A 59 2.49 8.80 -10.21
CA ALA A 59 2.40 7.33 -10.12
C ALA A 59 1.16 6.90 -9.34
N TRP A 60 0.85 7.63 -8.27
CA TRP A 60 -0.37 7.36 -7.51
C TRP A 60 -1.57 7.64 -8.40
N ARG A 61 -1.54 8.78 -9.09
CA ARG A 61 -2.63 9.21 -9.95
C ARG A 61 -2.91 8.21 -11.07
N ASN A 62 -1.88 7.45 -11.46
CA ASN A 62 -2.02 6.50 -12.55
C ASN A 62 -2.35 5.09 -12.10
N SER A 63 -2.50 4.89 -10.80
CA SER A 63 -2.73 3.55 -10.27
C SER A 63 -4.17 3.12 -10.48
N ASN A 64 -4.40 2.42 -11.59
CA ASN A 64 -5.74 1.99 -12.02
C ASN A 64 -6.59 1.31 -10.96
N ARG A 65 -5.94 0.61 -10.03
CA ARG A 65 -6.67 -0.14 -9.02
C ARG A 65 -7.00 0.66 -7.77
N CYS A 66 -6.58 1.93 -7.73
CA CYS A 66 -6.75 2.74 -6.52
C CYS A 66 -7.97 3.65 -6.55
N ILE A 67 -8.85 3.48 -5.55
CA ILE A 67 -10.06 4.29 -5.44
C ILE A 67 -9.79 5.60 -4.72
N GLY A 68 -8.63 5.70 -4.08
CA GLY A 68 -8.35 6.85 -3.24
C GLY A 68 -7.57 7.95 -3.93
N ARG A 69 -7.53 7.89 -5.25
CA ARG A 69 -6.66 8.78 -6.03
C ARG A 69 -6.99 10.27 -6.02
N LEU A 70 -8.13 10.68 -5.46
CA LEU A 70 -8.49 12.11 -5.46
C LEU A 70 -7.40 12.94 -4.80
N PHE A 71 -6.75 12.35 -3.81
CA PHE A 71 -5.81 13.08 -2.99
C PHE A 71 -4.36 12.92 -3.45
N TRP A 72 -4.17 12.50 -4.70
CA TRP A 72 -2.83 12.29 -5.27
C TRP A 72 -1.85 13.44 -5.04
N ASN A 73 -2.34 14.68 -5.12
CA ASN A 73 -1.44 15.82 -5.13
C ASN A 73 -0.99 16.24 -3.74
N SER A 74 -1.57 15.66 -2.71
CA SER A 74 -1.17 15.97 -1.34
C SER A 74 -0.29 14.87 -0.73
N LEU A 75 0.19 13.95 -1.56
CA LEU A 75 1.11 12.91 -1.09
C LEU A 75 2.34 13.55 -0.47
N ASN A 76 2.72 13.09 0.72
CA ASN A 76 3.95 13.54 1.36
C ASN A 76 5.14 12.66 0.94
N VAL A 77 6.09 13.26 0.22
CA VAL A 77 7.19 12.48 -0.35
C VAL A 77 8.48 12.66 0.46
N ILE A 78 9.00 11.57 1.01
CA ILE A 78 10.25 11.65 1.77
C ILE A 78 11.41 11.12 0.93
N ASP A 79 12.37 11.98 0.63
CA ASP A 79 13.52 11.62 -0.20
C ASP A 79 14.64 11.01 0.65
N ARG A 80 14.77 9.70 0.63
CA ARG A 80 15.86 9.04 1.36
C ARG A 80 16.87 8.34 0.44
N ARG A 81 17.16 8.95 -0.71
CA ARG A 81 18.14 8.43 -1.66
C ARG A 81 19.58 8.51 -1.10
N ASP A 82 19.73 9.14 0.05
CA ASP A 82 21.04 9.34 0.69
C ASP A 82 21.46 8.16 1.58
N VAL A 83 20.53 7.25 1.84
CA VAL A 83 20.77 6.11 2.73
C VAL A 83 21.82 5.13 2.17
N ARG A 84 22.76 4.70 3.02
CA ARG A 84 23.81 3.77 2.60
C ARG A 84 23.96 2.56 3.55
N THR A 85 23.37 2.64 4.73
CA THR A 85 23.54 1.59 5.75
C THR A 85 22.21 1.01 6.23
N LYS A 86 22.25 -0.22 6.73
CA LYS A 86 21.05 -0.89 7.19
C LYS A 86 20.46 -0.22 8.43
N GLU A 87 21.31 0.46 9.20
CA GLU A 87 20.85 1.26 10.32
C GLU A 87 20.02 2.45 9.81
N GLU A 88 20.48 3.09 8.73
CA GLU A 88 19.76 4.20 8.12
C GLU A 88 18.43 3.75 7.49
N VAL A 89 18.46 2.61 6.80
CA VAL A 89 17.23 2.06 6.23
C VAL A 89 16.21 1.83 7.35
N ARG A 90 16.68 1.20 8.42
CA ARG A 90 15.81 0.85 9.53
C ARG A 90 15.17 2.10 10.14
N ASP A 91 15.99 3.13 10.36
CA ASP A 91 15.49 4.36 10.97
C ASP A 91 14.58 5.14 10.02
N ALA A 92 14.82 5.02 8.71
CA ALA A 92 13.94 5.62 7.70
C ALA A 92 12.58 4.92 7.68
N LEU A 93 12.59 3.61 7.91
CA LEU A 93 11.36 2.82 7.96
C LEU A 93 10.58 3.11 9.25
N PHE A 94 11.29 3.16 10.38
CA PHE A 94 10.69 3.54 11.65
C PHE A 94 10.07 4.93 11.58
N HIS A 95 10.79 5.87 10.97
CA HIS A 95 10.31 7.24 10.85
C HIS A 95 9.06 7.31 9.98
N HIS A 96 9.09 6.63 8.83
CA HIS A 96 7.94 6.58 7.93
C HIS A 96 6.68 6.20 8.70
N ILE A 97 6.78 5.09 9.44
CA ILE A 97 5.67 4.61 10.24
C ILE A 97 5.16 5.69 11.19
N GLU A 98 6.09 6.35 11.88
CA GLU A 98 5.73 7.37 12.85
C GLU A 98 5.04 8.56 12.21
N THR A 99 5.64 9.11 11.16
CA THR A 99 5.09 10.32 10.53
C THR A 99 3.79 10.02 9.76
N ALA A 100 3.68 8.84 9.18
CA ALA A 100 2.45 8.46 8.46
C ALA A 100 1.31 8.25 9.45
N THR A 101 1.62 7.63 10.59
CA THR A 101 0.62 7.37 11.61
C THR A 101 0.09 8.69 12.19
N ASN A 102 1.01 9.60 12.50
CA ASN A 102 0.64 10.94 12.93
C ASN A 102 -0.41 10.93 14.05
N ASN A 103 -0.20 10.09 15.05
CA ASN A 103 -1.13 9.94 16.17
C ASN A 103 -2.55 9.52 15.75
N GLY A 104 -2.67 8.90 14.58
CA GLY A 104 -3.97 8.47 14.10
C GLY A 104 -4.50 9.31 12.94
N LYS A 105 -4.01 10.53 12.84
CA LYS A 105 -4.43 11.43 11.77
C LYS A 105 -3.56 11.15 10.53
N ILE A 106 -3.80 10.00 9.91
CA ILE A 106 -2.89 9.45 8.90
C ILE A 106 -2.53 10.37 7.73
N ARG A 107 -1.23 10.53 7.49
CA ARG A 107 -0.70 11.29 6.36
C ARG A 107 -0.29 10.32 5.28
N PRO A 108 -0.90 10.43 4.08
CA PRO A 108 -0.41 9.60 2.98
C PRO A 108 1.03 9.98 2.67
N THR A 109 1.91 8.99 2.66
CA THR A 109 3.35 9.24 2.66
C THR A 109 4.09 8.19 1.85
N ILE A 110 5.18 8.59 1.20
CA ILE A 110 6.07 7.63 0.57
C ILE A 110 7.51 7.96 0.94
N THR A 111 8.27 6.95 1.32
CA THR A 111 9.70 7.13 1.56
C THR A 111 10.40 6.50 0.37
N ILE A 112 11.27 7.27 -0.29
CA ILE A 112 11.94 6.77 -1.49
C ILE A 112 13.43 6.46 -1.25
N PHE A 113 13.80 5.21 -1.46
CA PHE A 113 15.17 4.77 -1.22
C PHE A 113 15.95 4.82 -2.53
N PRO A 114 17.30 4.69 -2.48
CA PRO A 114 18.08 4.69 -3.73
C PRO A 114 17.53 3.70 -4.75
N PRO A 115 17.48 4.10 -6.03
CA PRO A 115 16.93 3.27 -7.11
C PRO A 115 17.92 2.19 -7.55
N GLU A 116 17.47 1.23 -8.36
CA GLU A 116 18.39 0.25 -8.94
C GLU A 116 19.36 0.99 -9.87
N GLU A 117 20.55 0.45 -10.07
CA GLU A 117 21.51 1.07 -11.00
C GLU A 117 21.65 0.29 -12.31
N LYS A 118 22.26 -0.90 -12.25
CA LYS A 118 22.32 -1.77 -13.42
C LYS A 118 21.23 -2.83 -13.31
N GLY A 119 20.12 -2.45 -12.70
CA GLY A 119 19.10 -3.42 -12.33
C GLY A 119 19.48 -4.02 -10.98
N GLU A 120 20.64 -3.61 -10.47
CA GLU A 120 21.12 -4.04 -9.17
C GLU A 120 20.46 -3.23 -8.06
N LYS A 121 19.83 -3.92 -7.13
CA LYS A 121 19.11 -3.27 -6.04
C LYS A 121 20.07 -2.79 -4.95
N GLN A 122 19.87 -1.55 -4.49
CA GLN A 122 20.64 -1.01 -3.37
C GLN A 122 20.07 -1.55 -2.07
N VAL A 123 18.74 -1.52 -1.99
CA VAL A 123 18.00 -2.01 -0.84
C VAL A 123 16.86 -2.88 -1.35
N GLU A 124 16.64 -4.00 -0.69
CA GLU A 124 15.60 -4.94 -1.10
C GLU A 124 14.73 -5.24 0.12
N ILE A 125 13.52 -4.68 0.14
CA ILE A 125 12.61 -4.86 1.28
C ILE A 125 11.74 -6.11 1.10
N TRP A 126 11.75 -6.99 2.10
CA TRP A 126 11.02 -8.26 1.99
C TRP A 126 9.57 -8.21 2.46
N ASN A 127 9.25 -7.29 3.37
CA ASN A 127 7.87 -7.14 3.84
C ASN A 127 6.91 -6.77 2.72
N HIS A 128 5.70 -7.33 2.77
CA HIS A 128 4.65 -6.87 1.87
C HIS A 128 4.11 -5.54 2.41
N GLN A 129 3.96 -5.44 3.71
CA GLN A 129 3.66 -4.17 4.37
C GLN A 129 4.60 -4.02 5.56
N LEU A 130 4.96 -2.78 5.91
CA LEU A 130 5.85 -2.55 7.03
C LEU A 130 5.26 -3.12 8.33
N ILE A 131 3.95 -2.96 8.46
CA ILE A 131 3.23 -3.54 9.59
C ILE A 131 2.24 -4.59 9.10
N ARG A 132 2.53 -5.86 9.43
CA ARG A 132 1.62 -6.96 9.11
C ARG A 132 1.73 -8.10 10.12
N TYR A 133 0.74 -8.98 10.14
CA TYR A 133 0.71 -10.05 11.13
C TYR A 133 1.29 -11.34 10.57
N ALA A 134 2.01 -12.10 11.40
CA ALA A 134 2.60 -13.36 10.97
C ALA A 134 1.51 -14.40 10.76
N GLY A 135 1.86 -15.48 10.09
CA GLY A 135 0.93 -16.57 9.88
C GLY A 135 1.63 -17.91 9.99
N TYR A 136 0.95 -18.87 10.60
CA TYR A 136 1.54 -20.17 10.81
C TYR A 136 0.60 -21.27 10.32
N GLU A 137 1.13 -22.17 9.51
CA GLU A 137 0.41 -23.34 9.03
C GLU A 137 1.26 -24.57 9.33
N SER A 138 0.88 -25.32 10.35
CA SER A 138 1.64 -26.49 10.75
C SER A 138 0.75 -27.54 11.42
N ASP A 139 0.63 -28.70 10.78
CA ASP A 139 -0.05 -29.86 11.37
C ASP A 139 -1.45 -29.51 11.89
N GLY A 140 -2.33 -29.13 10.97
CA GLY A 140 -3.71 -28.83 11.31
C GLY A 140 -3.91 -27.48 12.01
N GLU A 141 -2.85 -26.97 12.61
CA GLU A 141 -2.92 -25.72 13.37
C GLU A 141 -2.79 -24.51 12.44
N ARG A 142 -3.87 -23.74 12.33
CA ARG A 142 -3.84 -22.47 11.61
C ARG A 142 -3.77 -21.32 12.62
N ILE A 143 -2.71 -20.52 12.53
CA ILE A 143 -2.56 -19.38 13.43
C ILE A 143 -2.18 -18.12 12.65
N GLY A 144 -2.83 -17.00 12.97
CA GLY A 144 -2.50 -15.72 12.37
C GLY A 144 -3.01 -15.54 10.95
N ASP A 145 -2.25 -14.80 10.15
CA ASP A 145 -2.68 -14.43 8.80
C ASP A 145 -2.04 -15.36 7.77
N PRO A 146 -2.85 -16.22 7.13
CA PRO A 146 -2.28 -17.20 6.20
C PRO A 146 -1.55 -16.52 5.04
N ALA A 147 -1.94 -15.30 4.70
CA ALA A 147 -1.27 -14.56 3.64
C ALA A 147 0.22 -14.32 3.97
N SER A 148 0.56 -14.42 5.25
CA SER A 148 1.93 -14.16 5.71
C SER A 148 2.73 -15.43 5.99
N CYS A 149 2.18 -16.59 5.65
CA CYS A 149 2.83 -17.86 6.01
C CYS A 149 4.25 -18.01 5.46
N SER A 150 4.45 -17.68 4.19
CA SER A 150 5.75 -17.88 3.56
C SER A 150 6.80 -16.90 4.04
N LEU A 151 6.43 -15.63 4.17
CA LEU A 151 7.35 -14.62 4.72
C LEU A 151 7.68 -14.93 6.17
N THR A 152 6.66 -15.32 6.94
CA THR A 152 6.87 -15.69 8.33
C THR A 152 7.90 -16.81 8.44
N ALA A 153 7.70 -17.87 7.66
CA ALA A 153 8.62 -19.00 7.67
C ALA A 153 10.02 -18.59 7.22
N ALA A 154 10.11 -17.57 6.38
CA ALA A 154 11.40 -17.05 5.94
C ALA A 154 12.10 -16.32 7.09
N CYS A 155 11.35 -15.49 7.81
CA CYS A 155 11.88 -14.82 9.00
C CYS A 155 12.36 -15.81 10.05
N GLU A 156 11.54 -16.82 10.35
CA GLU A 156 11.86 -17.79 11.38
C GLU A 156 13.05 -18.62 10.97
N GLU A 157 13.31 -18.69 9.68
CA GLU A 157 14.48 -19.35 9.14
C GLU A 157 15.73 -18.51 9.40
N LEU A 158 15.53 -17.24 9.75
CA LEU A 158 16.63 -16.31 9.97
C LEU A 158 16.85 -15.97 11.44
N GLY A 159 16.19 -16.70 12.33
CA GLY A 159 16.43 -16.55 13.75
C GLY A 159 15.34 -15.85 14.52
N TRP A 160 14.38 -15.25 13.82
CA TRP A 160 13.22 -14.63 14.45
C TRP A 160 12.28 -15.75 14.92
N ARG A 161 11.56 -15.49 16.01
CA ARG A 161 10.56 -16.44 16.50
C ARG A 161 9.30 -15.66 16.90
N GLY A 162 8.15 -16.04 16.35
CA GLY A 162 6.91 -15.41 16.75
C GLY A 162 6.37 -16.02 18.02
N GLU A 163 5.52 -15.29 18.74
CA GLU A 163 4.88 -15.84 19.93
C GLU A 163 3.69 -16.74 19.55
N ARG A 164 3.33 -16.73 18.27
CA ARG A 164 2.23 -17.55 17.78
C ARG A 164 0.87 -17.18 18.37
N THR A 165 0.62 -15.89 18.49
CA THR A 165 -0.71 -15.38 18.69
C THR A 165 -1.22 -15.14 17.28
N ASP A 166 -2.51 -14.82 17.15
CA ASP A 166 -3.08 -14.55 15.84
C ASP A 166 -2.65 -13.20 15.32
N PHE A 167 -1.90 -12.45 16.13
CA PHE A 167 -1.52 -11.09 15.76
C PHE A 167 -0.07 -10.75 16.11
N ASP A 168 0.85 -11.68 15.83
CA ASP A 168 2.27 -11.38 15.93
C ASP A 168 2.66 -10.35 14.88
N LEU A 169 3.27 -9.25 15.29
CA LEU A 169 3.82 -8.28 14.35
C LEU A 169 5.10 -8.84 13.74
N LEU A 170 5.14 -8.95 12.41
CA LEU A 170 6.35 -9.40 11.72
C LEU A 170 7.45 -8.35 11.90
N PRO A 171 8.71 -8.78 11.89
CA PRO A 171 9.79 -7.80 11.99
C PRO A 171 9.96 -7.12 10.65
N LEU A 172 10.56 -5.93 10.62
CA LEU A 172 11.00 -5.36 9.35
C LEU A 172 12.10 -6.28 8.86
N ILE A 173 12.10 -6.58 7.57
CA ILE A 173 13.15 -7.43 7.01
C ILE A 173 13.51 -6.99 5.60
N PHE A 174 14.79 -6.66 5.42
CA PHE A 174 15.27 -6.13 4.16
C PHE A 174 16.73 -6.51 3.97
N ARG A 175 17.18 -6.51 2.71
CA ARG A 175 18.55 -6.88 2.40
C ARG A 175 19.29 -5.74 1.69
N MET A 176 20.52 -5.47 2.14
CA MET A 176 21.38 -4.46 1.54
C MET A 176 22.22 -5.07 0.43
N LYS A 177 22.47 -4.28 -0.62
CA LYS A 177 23.35 -4.70 -1.71
C LYS A 177 24.71 -5.12 -1.14
N GLY A 178 25.12 -6.35 -1.42
CA GLY A 178 26.42 -6.84 -0.95
C GLY A 178 26.29 -7.89 0.13
N ASP A 179 25.08 -8.04 0.67
CA ASP A 179 24.81 -9.05 1.68
C ASP A 179 24.07 -10.23 1.06
N GLU A 180 24.38 -11.44 1.51
CA GLU A 180 23.68 -12.64 1.03
C GLU A 180 22.32 -12.77 1.71
N GLN A 181 22.28 -12.41 2.99
CA GLN A 181 21.06 -12.53 3.78
C GLN A 181 20.49 -11.16 4.12
N PRO A 182 19.16 -11.10 4.31
CA PRO A 182 18.59 -9.84 4.80
C PRO A 182 18.86 -9.73 6.30
N VAL A 183 18.53 -8.59 6.90
CA VAL A 183 18.56 -8.48 8.35
C VAL A 183 17.14 -8.26 8.80
N TRP A 184 16.85 -8.49 10.07
CA TRP A 184 15.52 -8.20 10.57
C TRP A 184 15.56 -7.43 11.88
N TYR A 185 14.58 -6.55 12.05
CA TYR A 185 14.47 -5.74 13.26
C TYR A 185 13.04 -5.78 13.76
N GLU A 186 12.86 -6.24 14.99
CA GLU A 186 11.57 -6.19 15.66
C GLU A 186 11.01 -4.76 15.62
N LEU A 187 9.70 -4.64 15.48
CA LEU A 187 9.02 -3.34 15.50
C LEU A 187 8.79 -2.87 16.93
N PRO A 188 9.20 -1.62 17.23
CA PRO A 188 8.84 -1.05 18.53
C PRO A 188 7.33 -0.90 18.62
N ARG A 189 6.72 -1.49 19.64
CA ARG A 189 5.27 -1.47 19.80
C ARG A 189 4.71 -0.05 19.89
N SER A 190 5.50 0.87 20.45
CA SER A 190 5.07 2.27 20.60
C SER A 190 4.84 2.97 19.27
N LEU A 191 5.39 2.41 18.19
CA LEU A 191 5.23 2.98 16.85
C LEU A 191 3.99 2.48 16.14
N VAL A 192 3.46 1.35 16.60
CA VAL A 192 2.35 0.70 15.91
C VAL A 192 1.02 0.94 16.61
N ILE A 193 0.11 1.60 15.92
CA ILE A 193 -1.25 1.78 16.43
C ILE A 193 -2.11 0.58 16.03
N GLU A 194 -2.82 0.00 17.00
CA GLU A 194 -3.75 -1.09 16.71
C GLU A 194 -5.14 -0.71 17.18
N VAL A 195 -6.15 -1.22 16.48
CA VAL A 195 -7.53 -0.88 16.78
C VAL A 195 -8.29 -2.14 17.19
N PRO A 196 -8.68 -2.22 18.47
CA PRO A 196 -9.55 -3.34 18.85
C PRO A 196 -10.91 -3.16 18.22
N ILE A 197 -11.47 -4.22 17.64
CA ILE A 197 -12.74 -4.09 16.93
C ILE A 197 -13.92 -4.30 17.88
N THR A 198 -14.74 -3.27 18.04
CA THR A 198 -15.97 -3.37 18.81
C THR A 198 -17.16 -2.97 17.92
N HIS A 199 -18.37 -3.31 18.35
CA HIS A 199 -19.56 -2.95 17.60
C HIS A 199 -20.30 -1.86 18.35
N PRO A 200 -20.86 -0.88 17.61
CA PRO A 200 -21.55 0.27 18.22
C PRO A 200 -22.71 -0.12 19.13
N ASP A 201 -23.39 -1.24 18.86
CA ASP A 201 -24.55 -1.61 19.69
C ASP A 201 -24.65 -3.09 20.04
N ILE A 202 -23.70 -3.90 19.56
CA ILE A 202 -23.64 -5.31 19.97
C ILE A 202 -22.44 -5.53 20.89
N GLU A 203 -22.72 -5.60 22.20
CA GLU A 203 -21.68 -5.64 23.21
C GLU A 203 -20.84 -6.93 23.14
N ALA A 204 -21.48 -8.01 22.74
CA ALA A 204 -20.81 -9.31 22.66
C ALA A 204 -19.72 -9.37 21.59
N PHE A 205 -19.75 -8.42 20.66
CA PHE A 205 -18.81 -8.40 19.54
C PHE A 205 -17.34 -8.43 20.00
N SER A 206 -17.07 -7.88 21.18
CA SER A 206 -15.71 -7.85 21.71
C SER A 206 -15.21 -9.23 22.12
N ASP A 207 -16.15 -10.19 22.27
CA ASP A 207 -15.77 -11.56 22.60
C ASP A 207 -14.91 -12.19 21.51
N LEU A 208 -15.04 -11.66 20.29
CA LEU A 208 -14.25 -12.14 19.16
C LEU A 208 -12.76 -11.82 19.30
N GLU A 209 -12.46 -10.78 20.08
CA GLU A 209 -11.09 -10.36 20.31
C GLU A 209 -10.39 -10.02 19.00
N LEU A 210 -11.11 -9.36 18.11
CA LEU A 210 -10.56 -8.96 16.83
C LEU A 210 -9.83 -7.63 16.98
N LYS A 211 -8.76 -7.46 16.19
CA LYS A 211 -8.13 -6.16 16.06
C LYS A 211 -7.42 -6.06 14.71
N TRP A 212 -7.00 -4.86 14.37
CA TRP A 212 -6.18 -4.66 13.17
C TRP A 212 -5.24 -3.49 13.41
N TYR A 213 -4.23 -3.36 12.55
CA TYR A 213 -3.29 -2.26 12.67
C TYR A 213 -3.85 -1.04 11.94
N GLY A 214 -3.38 0.14 12.31
CA GLY A 214 -3.96 1.37 11.79
C GLY A 214 -3.55 1.73 10.38
N VAL A 215 -2.30 1.46 10.02
CA VAL A 215 -1.77 2.01 8.77
C VAL A 215 -1.24 0.93 7.84
N PRO A 216 -1.84 0.82 6.63
CA PRO A 216 -1.35 -0.12 5.62
C PRO A 216 -0.24 0.53 4.83
N ILE A 217 0.96 -0.01 4.94
CA ILE A 217 2.12 0.59 4.31
C ILE A 217 2.75 -0.38 3.33
N ILE A 218 2.32 -0.34 2.07
CA ILE A 218 2.81 -1.26 1.04
C ILE A 218 4.29 -1.03 0.77
N SER A 219 5.10 -2.07 0.96
CA SER A 219 6.54 -1.90 0.96
C SER A 219 7.25 -2.81 -0.03
N ASP A 220 6.50 -3.44 -0.92
CA ASP A 220 7.11 -4.39 -1.85
C ASP A 220 6.78 -4.08 -3.31
N MET A 221 6.30 -2.88 -3.59
CA MET A 221 6.04 -2.49 -4.97
C MET A 221 7.15 -1.60 -5.49
N LYS A 222 7.38 -1.65 -6.80
CA LYS A 222 8.39 -0.82 -7.44
C LYS A 222 7.77 0.45 -7.99
N LEU A 223 8.34 1.60 -7.66
CA LEU A 223 7.93 2.87 -8.27
C LEU A 223 8.78 3.16 -9.49
N GLU A 224 8.15 3.39 -10.63
CA GLU A 224 8.88 3.74 -11.84
C GLU A 224 8.60 5.18 -12.27
N VAL A 225 9.67 5.98 -12.35
CA VAL A 225 9.56 7.37 -12.73
C VAL A 225 10.59 7.69 -13.80
N GLY A 226 10.12 7.94 -15.03
CA GLY A 226 11.00 8.32 -16.12
C GLY A 226 12.19 7.40 -16.34
N GLY A 227 11.94 6.10 -16.38
CA GLY A 227 12.99 5.14 -16.67
C GLY A 227 13.79 4.69 -15.46
N ILE A 228 13.61 5.39 -14.34
CA ILE A 228 14.34 5.05 -13.12
C ILE A 228 13.49 4.16 -12.22
N HIS A 229 14.09 3.06 -11.75
CA HIS A 229 13.35 2.03 -11.03
C HIS A 229 13.58 2.08 -9.53
N TYR A 230 12.66 2.71 -8.81
CA TYR A 230 12.72 2.74 -7.35
C TYR A 230 12.02 1.50 -6.80
N ASN A 231 12.79 0.42 -6.67
CA ASN A 231 12.26 -0.87 -6.21
C ASN A 231 11.90 -0.84 -4.73
N ALA A 232 12.52 0.07 -3.99
CA ALA A 232 12.24 0.23 -2.57
C ALA A 232 11.66 1.62 -2.34
N ALA A 233 10.35 1.68 -2.14
CA ALA A 233 9.68 2.95 -1.93
C ALA A 233 8.34 2.72 -1.26
N PRO A 234 8.37 2.44 0.05
CA PRO A 234 7.14 2.10 0.79
C PRO A 234 6.20 3.30 0.83
N PHE A 235 4.91 3.06 0.59
CA PHE A 235 3.93 4.13 0.64
C PHE A 235 2.70 3.71 1.44
N ASN A 236 1.94 4.71 1.90
CA ASN A 236 0.70 4.42 2.62
C ASN A 236 -0.39 5.45 2.40
N GLY A 237 -1.64 5.00 2.46
CA GLY A 237 -2.75 5.90 2.65
C GLY A 237 -3.39 5.53 3.99
N TRP A 238 -4.69 5.74 4.09
CA TRP A 238 -5.47 5.16 5.19
C TRP A 238 -6.34 4.05 4.62
N TYR A 239 -6.84 3.17 5.48
CA TYR A 239 -7.66 2.05 5.03
C TYR A 239 -9.03 2.48 4.56
N MET A 240 -9.55 1.78 3.55
CA MET A 240 -10.98 1.77 3.31
C MET A 240 -11.49 0.62 4.15
N GLY A 241 -12.59 0.83 4.87
CA GLY A 241 -13.09 -0.16 5.81
C GLY A 241 -13.24 -1.56 5.24
N THR A 242 -13.76 -1.67 4.02
CA THR A 242 -13.98 -2.98 3.38
C THR A 242 -12.71 -3.81 3.25
N GLU A 243 -11.54 -3.17 3.25
CA GLU A 243 -10.29 -3.93 3.11
C GLU A 243 -10.06 -4.82 4.32
N ILE A 244 -10.48 -4.32 5.47
CA ILE A 244 -10.33 -5.05 6.73
C ILE A 244 -11.56 -5.93 6.97
N GLY A 245 -12.74 -5.32 6.88
CA GLY A 245 -13.97 -6.02 7.24
C GLY A 245 -14.46 -7.05 6.24
N ALA A 246 -14.15 -6.83 4.96
CA ALA A 246 -14.73 -7.66 3.92
C ALA A 246 -13.71 -8.64 3.34
N ARG A 247 -12.43 -8.39 3.60
CA ARG A 247 -11.38 -9.22 3.00
C ARG A 247 -10.44 -9.80 4.05
N ASN A 248 -9.67 -8.94 4.72
CA ASN A 248 -8.68 -9.40 5.70
C ASN A 248 -9.28 -10.27 6.79
N LEU A 249 -10.39 -9.84 7.36
CA LEU A 249 -11.03 -10.62 8.43
C LEU A 249 -12.10 -11.62 7.93
N ALA A 250 -12.53 -11.49 6.68
CA ALA A 250 -13.66 -12.28 6.16
C ALA A 250 -13.29 -13.43 5.22
N ASP A 251 -12.27 -13.23 4.39
CA ASP A 251 -11.86 -14.25 3.42
C ASP A 251 -11.56 -15.58 4.10
N GLU A 252 -12.02 -16.68 3.50
CA GLU A 252 -11.73 -18.02 4.02
C GLU A 252 -10.24 -18.29 4.07
N LYS A 253 -9.49 -17.69 3.16
CA LYS A 253 -8.03 -17.86 3.12
C LYS A 253 -7.30 -16.79 3.93
N ARG A 254 -8.04 -15.99 4.70
CA ARG A 254 -7.42 -15.07 5.65
C ARG A 254 -7.89 -15.42 7.06
N TYR A 255 -8.44 -14.46 7.79
CA TYR A 255 -8.88 -14.74 9.16
C TYR A 255 -10.21 -15.49 9.27
N ASP A 256 -11.01 -15.48 8.19
CA ASP A 256 -12.17 -16.37 8.08
C ASP A 256 -13.14 -16.28 9.27
N LYS A 257 -13.55 -15.05 9.60
CA LYS A 257 -14.30 -14.79 10.84
C LYS A 257 -15.83 -14.78 10.73
N LEU A 258 -16.39 -15.00 9.55
CA LEU A 258 -17.83 -14.78 9.37
C LEU A 258 -18.77 -15.68 10.22
N LYS A 259 -18.37 -16.93 10.48
CA LYS A 259 -19.22 -17.81 11.29
C LYS A 259 -19.27 -17.31 12.74
N LYS A 260 -18.12 -16.89 13.25
CA LYS A 260 -18.04 -16.37 14.60
C LYS A 260 -18.74 -15.02 14.72
N VAL A 261 -18.68 -14.21 13.67
CA VAL A 261 -19.45 -12.98 13.64
C VAL A 261 -20.94 -13.29 13.69
N ALA A 262 -21.36 -14.28 12.91
CA ALA A 262 -22.77 -14.64 12.85
C ALA A 262 -23.27 -15.10 14.23
N SER A 263 -22.42 -15.84 14.92
CA SER A 263 -22.77 -16.33 16.25
C SER A 263 -22.92 -15.19 17.28
N VAL A 264 -21.94 -14.29 17.36
CA VAL A 264 -22.02 -13.17 18.32
C VAL A 264 -23.11 -12.16 18.01
N ILE A 265 -23.53 -12.07 16.75
CA ILE A 265 -24.64 -11.15 16.41
C ILE A 265 -25.99 -11.84 16.51
N GLY A 266 -25.99 -13.09 16.97
CA GLY A 266 -27.22 -13.79 17.28
C GLY A 266 -28.02 -14.31 16.10
N ILE A 267 -27.36 -14.58 14.97
CA ILE A 267 -28.06 -15.19 13.84
C ILE A 267 -27.49 -16.56 13.49
N ALA A 268 -28.36 -17.42 12.96
CA ALA A 268 -27.97 -18.75 12.53
C ALA A 268 -27.12 -18.68 11.27
N ALA A 269 -26.18 -19.60 11.14
CA ALA A 269 -25.35 -19.68 9.93
C ALA A 269 -25.54 -21.04 9.27
N ASP A 270 -26.79 -21.37 8.98
CA ASP A 270 -27.14 -22.70 8.47
C ASP A 270 -27.65 -22.69 7.03
N TYR A 271 -28.29 -21.59 6.62
CA TYR A 271 -28.98 -21.53 5.33
C TYR A 271 -28.50 -20.38 4.45
N ASN A 272 -28.16 -20.68 3.20
CA ASN A 272 -27.74 -19.65 2.26
C ASN A 272 -28.83 -18.59 2.07
N THR A 273 -30.09 -19.04 2.05
CA THR A 273 -31.23 -18.13 1.85
C THR A 273 -31.46 -17.13 2.98
N ASP A 274 -30.80 -17.34 4.13
CA ASP A 274 -30.88 -16.40 5.24
C ASP A 274 -29.92 -15.23 5.02
N LEU A 275 -29.01 -15.39 4.06
CA LEU A 275 -27.99 -14.39 3.75
C LEU A 275 -27.17 -14.03 4.97
N TRP A 276 -26.85 -15.03 5.79
CA TRP A 276 -26.14 -14.79 7.03
C TRP A 276 -24.73 -14.25 6.78
N LYS A 277 -24.11 -14.65 5.67
CA LYS A 277 -22.78 -14.11 5.36
C LYS A 277 -22.86 -12.62 5.03
N ASP A 278 -23.85 -12.27 4.23
CA ASP A 278 -24.01 -10.87 3.84
C ASP A 278 -24.27 -10.01 5.07
N GLN A 279 -25.17 -10.48 5.93
CA GLN A 279 -25.51 -9.78 7.15
C GLN A 279 -24.32 -9.68 8.11
N ALA A 280 -23.57 -10.76 8.23
CA ALA A 280 -22.37 -10.78 9.07
C ALA A 280 -21.34 -9.79 8.54
N LEU A 281 -21.17 -9.81 7.22
CA LEU A 281 -20.24 -8.87 6.57
C LEU A 281 -20.55 -7.41 6.92
N VAL A 282 -21.83 -7.04 6.83
CA VAL A 282 -22.23 -5.66 7.13
C VAL A 282 -21.93 -5.27 8.58
N GLU A 283 -22.28 -6.14 9.52
CA GLU A 283 -22.05 -5.83 10.93
C GLU A 283 -20.58 -5.77 11.27
N LEU A 284 -19.78 -6.64 10.66
CA LEU A 284 -18.33 -6.59 10.85
C LEU A 284 -17.75 -5.31 10.26
N ASN A 285 -18.23 -4.93 9.08
CA ASN A 285 -17.75 -3.69 8.46
C ASN A 285 -18.20 -2.42 9.17
N LYS A 286 -19.41 -2.45 9.73
CA LYS A 286 -19.85 -1.37 10.61
C LYS A 286 -18.94 -1.32 11.84
N ALA A 287 -18.56 -2.49 12.33
CA ALA A 287 -17.75 -2.57 13.54
C ALA A 287 -16.37 -1.97 13.29
N VAL A 288 -15.80 -2.27 12.12
CA VAL A 288 -14.49 -1.76 11.75
C VAL A 288 -14.47 -0.23 11.65
N LEU A 289 -15.45 0.34 10.95
CA LEU A 289 -15.53 1.79 10.81
C LEU A 289 -15.73 2.45 12.17
N HIS A 290 -16.68 1.94 12.94
CA HIS A 290 -16.93 2.46 14.27
C HIS A 290 -15.67 2.43 15.14
N SER A 291 -14.94 1.32 15.10
CA SER A 291 -13.79 1.17 15.99
C SER A 291 -12.65 2.12 15.63
N TYR A 292 -12.36 2.26 14.34
CA TYR A 292 -11.32 3.20 13.91
C TYR A 292 -11.70 4.63 14.26
N LYS A 293 -12.94 5.01 13.99
CA LYS A 293 -13.45 6.34 14.33
C LYS A 293 -13.33 6.60 15.83
N LYS A 294 -13.65 5.59 16.63
CA LYS A 294 -13.65 5.71 18.09
C LYS A 294 -12.25 5.92 18.66
N GLN A 295 -11.25 5.36 17.99
CA GLN A 295 -9.87 5.48 18.44
C GLN A 295 -9.16 6.70 17.83
N GLY A 296 -9.82 7.37 16.88
CA GLY A 296 -9.23 8.53 16.24
C GLY A 296 -8.22 8.18 15.17
N VAL A 297 -8.40 7.01 14.55
CA VAL A 297 -7.53 6.59 13.45
C VAL A 297 -8.28 6.73 12.14
N SER A 298 -7.64 7.39 11.17
CA SER A 298 -8.27 7.67 9.88
C SER A 298 -8.73 6.40 9.18
N ILE A 299 -9.90 6.49 8.56
CA ILE A 299 -10.45 5.41 7.75
C ILE A 299 -11.55 6.01 6.89
N VAL A 300 -11.86 5.37 5.77
CA VAL A 300 -12.94 5.84 4.92
C VAL A 300 -13.86 4.68 4.59
N ASP A 301 -15.16 4.93 4.59
CA ASP A 301 -16.11 3.89 4.19
C ASP A 301 -16.16 3.88 2.66
N HIS A 302 -16.67 2.79 2.09
CA HIS A 302 -16.58 2.64 0.64
C HIS A 302 -17.51 3.58 -0.16
N HIS A 303 -18.60 4.04 0.46
CA HIS A 303 -19.49 4.99 -0.22
C HIS A 303 -18.81 6.34 -0.34
N THR A 304 -18.25 6.81 0.77
CA THR A 304 -17.52 8.07 0.79
C THR A 304 -16.35 8.02 -0.19
N ALA A 305 -15.57 6.94 -0.12
CA ALA A 305 -14.45 6.72 -1.04
C ALA A 305 -14.89 6.76 -2.50
N ALA A 306 -16.01 6.11 -2.81
CA ALA A 306 -16.55 6.13 -4.17
C ALA A 306 -16.97 7.54 -4.60
N SER A 307 -17.57 8.29 -3.69
CA SER A 307 -17.95 9.68 -3.98
C SER A 307 -16.71 10.52 -4.27
N GLN A 308 -15.64 10.26 -3.50
CA GLN A 308 -14.38 10.94 -3.71
C GLN A 308 -13.79 10.57 -5.07
N PHE A 309 -13.84 9.29 -5.42
CA PHE A 309 -13.33 8.84 -6.72
C PHE A 309 -14.07 9.48 -7.89
N LYS A 310 -15.38 9.66 -7.74
CA LYS A 310 -16.16 10.40 -8.74
C LYS A 310 -15.58 11.80 -8.94
N ARG A 311 -15.22 12.47 -7.86
CA ARG A 311 -14.58 13.78 -7.97
C ARG A 311 -13.24 13.67 -8.69
N PHE A 312 -12.48 12.62 -8.41
CA PHE A 312 -11.23 12.37 -9.12
C PHE A 312 -11.49 12.25 -10.62
N GLU A 313 -12.55 11.51 -10.98
CA GLU A 313 -12.93 11.36 -12.39
C GLU A 313 -13.22 12.72 -13.00
N GLU A 314 -13.98 13.54 -12.29
CA GLU A 314 -14.36 14.87 -12.79
C GLU A 314 -13.15 15.79 -12.95
N GLN A 315 -12.25 15.77 -11.97
CA GLN A 315 -11.02 16.57 -12.03
C GLN A 315 -10.13 16.15 -13.19
N ALA A 316 -10.07 14.84 -13.45
CA ALA A 316 -9.30 14.32 -14.57
C ALA A 316 -9.82 14.92 -15.87
N GLU A 317 -11.14 14.90 -16.06
CA GLU A 317 -11.72 15.48 -17.26
C GLU A 317 -11.47 16.98 -17.39
N GLU A 318 -11.61 17.72 -16.29
CA GLU A 318 -11.41 19.17 -16.30
C GLU A 318 -9.97 19.55 -16.66
N ALA A 319 -9.03 18.70 -16.22
CA ALA A 319 -7.61 18.93 -16.47
C ALA A 319 -7.20 18.42 -17.84
N GLY A 320 -8.13 17.76 -18.54
CA GLY A 320 -7.86 17.23 -19.86
C GLY A 320 -7.04 15.94 -19.85
N ARG A 321 -6.97 15.29 -18.68
CA ARG A 321 -6.24 14.03 -18.55
C ARG A 321 -7.15 12.83 -18.82
N LYS A 322 -6.66 11.87 -19.57
CA LYS A 322 -7.35 10.60 -19.70
C LYS A 322 -7.44 9.93 -18.34
N LEU A 323 -8.58 9.31 -18.06
CA LEU A 323 -8.75 8.55 -16.83
C LEU A 323 -8.51 7.08 -17.12
N THR A 324 -7.73 6.42 -16.27
CA THR A 324 -7.54 4.98 -16.37
C THR A 324 -7.93 4.29 -15.06
N GLY A 325 -8.46 3.08 -15.17
CA GLY A 325 -8.93 2.37 -13.99
C GLY A 325 -9.16 0.89 -14.21
N ASP A 326 -9.05 0.12 -13.14
CA ASP A 326 -9.32 -1.32 -13.17
C ASP A 326 -10.64 -1.58 -12.46
N TRP A 327 -11.71 -1.71 -13.25
CA TRP A 327 -13.06 -1.88 -12.72
C TRP A 327 -13.13 -2.99 -11.67
N THR A 328 -12.41 -4.09 -11.92
CA THR A 328 -12.47 -5.26 -11.04
C THR A 328 -11.89 -5.01 -9.65
N TRP A 329 -11.04 -4.00 -9.51
CA TRP A 329 -10.47 -3.65 -8.22
C TRP A 329 -11.12 -2.42 -7.59
N LEU A 330 -11.64 -1.53 -8.45
CA LEU A 330 -12.25 -0.29 -7.96
C LEU A 330 -13.59 -0.53 -7.27
N ILE A 331 -14.38 -1.48 -7.76
CA ILE A 331 -15.64 -1.79 -7.10
C ILE A 331 -15.38 -2.37 -5.71
N PRO A 332 -16.11 -1.87 -4.71
CA PRO A 332 -15.95 -2.39 -3.34
C PRO A 332 -16.53 -3.80 -3.22
N PRO A 333 -15.96 -4.62 -2.31
CA PRO A 333 -16.41 -6.00 -2.16
C PRO A 333 -17.75 -6.11 -1.43
N ILE A 334 -18.29 -5.00 -0.95
CA ILE A 334 -19.68 -5.01 -0.46
C ILE A 334 -20.51 -3.89 -1.07
N SER A 335 -21.76 -4.23 -1.38
CA SER A 335 -22.67 -3.32 -2.08
C SER A 335 -22.08 -2.58 -3.28
N PRO A 336 -21.32 -3.27 -4.15
CA PRO A 336 -20.73 -2.53 -5.26
C PRO A 336 -21.75 -1.81 -6.15
N ALA A 337 -22.93 -2.37 -6.34
CA ALA A 337 -23.95 -1.72 -7.17
C ALA A 337 -24.51 -0.42 -6.57
N ALA A 338 -24.26 -0.20 -5.28
CA ALA A 338 -24.66 1.06 -4.65
C ALA A 338 -23.64 2.18 -4.88
N THR A 339 -22.59 1.90 -5.65
CA THR A 339 -21.63 2.94 -6.04
C THR A 339 -21.76 3.20 -7.54
N HIS A 340 -21.36 4.39 -7.97
CA HIS A 340 -21.42 4.77 -9.38
C HIS A 340 -20.42 3.96 -10.20
N ILE A 341 -19.31 3.59 -9.55
CA ILE A 341 -18.25 2.82 -10.18
C ILE A 341 -18.78 1.57 -10.90
N PHE A 342 -19.65 0.84 -10.22
CA PHE A 342 -20.24 -0.39 -10.75
C PHE A 342 -20.92 -0.20 -12.10
N HIS A 343 -21.54 0.97 -12.29
CA HIS A 343 -22.40 1.21 -13.45
C HIS A 343 -21.70 1.93 -14.61
N ARG A 344 -20.39 2.09 -14.53
CA ARG A 344 -19.63 2.58 -15.68
C ARG A 344 -18.43 1.68 -15.93
N SER A 345 -17.76 1.88 -17.06
CA SER A 345 -16.55 1.13 -17.36
C SER A 345 -15.32 2.03 -17.31
N TYR A 346 -14.13 1.43 -17.28
CA TYR A 346 -12.88 2.18 -17.24
C TYR A 346 -11.84 1.57 -18.17
N ASP A 347 -11.00 2.42 -18.75
CA ASP A 347 -9.88 1.98 -19.58
C ASP A 347 -8.74 1.49 -18.68
N ASN A 348 -8.39 0.21 -18.78
CA ASN A 348 -7.35 -0.36 -17.90
C ASN A 348 -5.92 -0.22 -18.45
N SER A 349 -5.70 0.76 -19.31
CA SER A 349 -4.37 0.98 -19.88
C SER A 349 -3.36 1.39 -18.81
N ILE A 350 -2.12 0.95 -18.98
CA ILE A 350 -1.05 1.29 -18.03
C ILE A 350 -0.27 2.53 -18.48
N VAL A 351 -0.36 3.59 -17.68
CA VAL A 351 0.37 4.84 -17.93
C VAL A 351 1.47 4.98 -16.88
N LYS A 352 2.65 5.45 -17.31
CA LYS A 352 3.74 5.74 -16.38
C LYS A 352 3.85 7.24 -16.15
N PRO A 353 4.37 7.67 -14.97
CA PRO A 353 4.86 6.93 -13.79
C PRO A 353 3.80 6.05 -13.14
N ASN A 354 4.23 4.98 -12.49
CA ASN A 354 3.30 4.04 -11.87
C ASN A 354 3.98 3.14 -10.84
N TYR A 355 3.17 2.42 -10.08
CA TYR A 355 3.67 1.43 -9.13
C TYR A 355 3.47 0.05 -9.72
N PHE A 356 4.47 -0.82 -9.58
CA PHE A 356 4.42 -2.15 -10.18
C PHE A 356 4.74 -3.28 -9.20
N TYR A 357 4.18 -4.45 -9.45
CA TYR A 357 4.58 -5.64 -8.73
C TYR A 357 6.03 -5.96 -9.07
N GLN A 358 6.72 -6.65 -8.17
CA GLN A 358 8.03 -7.22 -8.46
C GLN A 358 8.13 -8.58 -7.78
N ASP A 359 9.10 -9.38 -8.20
CA ASP A 359 9.23 -10.73 -7.67
C ASP A 359 9.64 -10.75 -6.21
N LYS A 360 9.01 -11.64 -5.45
CA LYS A 360 9.38 -11.85 -4.05
C LYS A 360 10.72 -12.56 -3.96
N PRO A 361 11.63 -12.03 -3.13
CA PRO A 361 12.95 -12.66 -2.91
C PRO A 361 12.81 -13.99 -2.16
N TYR A 362 11.92 -14.04 -1.19
CA TYR A 362 11.56 -15.31 -0.55
C TYR A 362 10.55 -16.05 -1.43
N GLU A 363 10.27 -17.31 -1.08
CA GLU A 363 9.32 -18.15 -1.84
C GLU A 363 9.81 -18.52 -3.23
#